data_7M25
#
_entry.id   7M25
#
_entity_poly.entity_id   1
_entity_poly.type   'polypeptide(L)'
_entity_poly.pdbx_seq_one_letter_code
;TFGVVIAD
;
_entity_poly.pdbx_strand_id   A
#
# COMPACT_ATOMS: atom_id res chain seq x y z
N THR A 1 0.25 3.58 -0.52
CA THR A 1 1.43 4.08 0.12
C THR A 1 1.93 3.09 1.20
N PHE A 2 3.21 3.21 1.58
CA PHE A 2 3.84 2.45 2.67
C PHE A 2 4.15 0.99 2.26
N GLY A 3 3.92 0.67 1.02
CA GLY A 3 4.21 -0.67 0.54
C GLY A 3 3.02 -1.58 0.62
N VAL A 4 1.95 -1.08 1.18
CA VAL A 4 0.73 -1.83 1.31
C VAL A 4 -0.11 -1.55 0.07
N VAL A 5 -0.26 -2.54 -0.79
CA VAL A 5 -0.94 -2.38 -2.10
C VAL A 5 -2.35 -1.76 -2.00
N ILE A 6 -3.13 -2.20 -1.02
CA ILE A 6 -4.49 -1.70 -0.86
C ILE A 6 -4.51 -0.25 -0.34
N ALA A 7 -3.45 0.15 0.32
CA ALA A 7 -3.36 1.49 0.85
C ALA A 7 -2.54 2.39 -0.07
N ASP A 8 -1.99 1.78 -1.13
CA ASP A 8 -1.11 2.44 -2.12
C ASP A 8 0.26 2.78 -1.53
N THR A 1 0.28 3.41 -0.50
CA THR A 1 1.51 3.72 0.16
C THR A 1 1.65 2.78 1.39
N PHE A 2 2.62 3.07 2.27
CA PHE A 2 2.94 2.29 3.47
C PHE A 2 3.53 0.92 3.12
N GLY A 3 3.74 0.69 1.85
CA GLY A 3 4.22 -0.59 1.38
C GLY A 3 3.08 -1.58 1.31
N VAL A 4 1.87 -1.07 1.38
CA VAL A 4 0.69 -1.88 1.34
C VAL A 4 -0.06 -1.55 0.07
N VAL A 5 -0.29 -2.55 -0.74
CA VAL A 5 -0.91 -2.38 -2.05
C VAL A 5 -2.30 -1.72 -1.97
N ILE A 6 -3.14 -2.20 -1.07
CA ILE A 6 -4.50 -1.65 -0.94
C ILE A 6 -4.51 -0.25 -0.34
N ALA A 7 -3.41 0.13 0.31
CA ALA A 7 -3.31 1.46 0.89
C ALA A 7 -2.52 2.38 -0.03
N ASP A 8 -2.03 1.80 -1.13
CA ASP A 8 -1.17 2.46 -2.14
C ASP A 8 0.23 2.71 -1.59
N THR A 1 0.57 2.61 -0.57
CA THR A 1 1.95 2.65 -0.15
C THR A 1 2.61 1.25 -0.22
N PHE A 2 3.92 1.21 -0.11
CA PHE A 2 4.64 -0.04 -0.14
C PHE A 2 4.47 -0.75 1.19
N GLY A 3 3.93 -1.92 1.13
CA GLY A 3 3.64 -2.69 2.29
C GLY A 3 2.27 -3.27 2.18
N VAL A 4 1.33 -2.39 1.99
CA VAL A 4 -0.05 -2.74 1.77
C VAL A 4 -0.48 -2.02 0.51
N VAL A 5 -0.51 -2.73 -0.61
CA VAL A 5 -0.81 -2.15 -1.91
C VAL A 5 -2.24 -1.60 -1.97
N ILE A 6 -3.10 -2.14 -1.13
CA ILE A 6 -4.48 -1.68 -1.01
C ILE A 6 -4.49 -0.25 -0.40
N ALA A 7 -3.43 0.08 0.32
CA ALA A 7 -3.28 1.37 0.94
C ALA A 7 -2.41 2.29 0.09
N ASP A 8 -2.08 1.82 -1.14
CA ASP A 8 -1.28 2.58 -2.14
C ASP A 8 0.22 2.61 -1.83
N THR A 1 0.45 2.96 -0.56
CA THR A 1 1.78 3.15 -0.02
C THR A 1 2.57 1.84 0.08
N PHE A 2 3.89 1.94 0.17
CA PHE A 2 4.77 0.77 0.20
C PHE A 2 4.49 -0.09 1.42
N GLY A 3 4.20 -1.34 1.20
CA GLY A 3 3.93 -2.24 2.26
C GLY A 3 2.57 -2.83 2.11
N VAL A 4 1.59 -1.98 1.84
CA VAL A 4 0.23 -2.40 1.67
C VAL A 4 -0.31 -1.79 0.38
N VAL A 5 -0.41 -2.60 -0.65
CA VAL A 5 -0.82 -2.16 -1.99
C VAL A 5 -2.24 -1.57 -1.98
N ILE A 6 -3.10 -2.12 -1.13
CA ILE A 6 -4.48 -1.65 -1.00
C ILE A 6 -4.51 -0.23 -0.38
N ALA A 7 -3.45 0.11 0.36
CA ALA A 7 -3.32 1.43 0.95
C ALA A 7 -2.47 2.32 0.05
N ASP A 8 -2.06 1.75 -1.09
CA ASP A 8 -1.25 2.40 -2.16
C ASP A 8 0.22 2.55 -1.77
N THR A 1 0.38 3.41 -0.60
CA THR A 1 1.66 3.99 -0.27
C THR A 1 2.69 2.98 0.27
N PHE A 2 2.50 2.53 1.50
CA PHE A 2 3.54 1.75 2.16
C PHE A 2 3.04 0.37 2.56
N GLY A 3 3.74 -0.64 2.09
CA GLY A 3 3.47 -2.01 2.47
C GLY A 3 2.24 -2.58 1.80
N VAL A 4 1.11 -2.16 2.29
CA VAL A 4 -0.15 -2.63 1.81
C VAL A 4 -0.45 -1.98 0.46
N VAL A 5 -0.59 -2.78 -0.58
CA VAL A 5 -0.84 -2.25 -1.92
C VAL A 5 -2.26 -1.66 -2.00
N ILE A 6 -3.11 -2.15 -1.11
CA ILE A 6 -4.48 -1.66 -1.01
C ILE A 6 -4.47 -0.23 -0.42
N ALA A 7 -3.40 0.07 0.32
CA ALA A 7 -3.23 1.36 0.95
C ALA A 7 -2.43 2.30 0.04
N ASP A 8 -1.97 1.75 -1.09
CA ASP A 8 -1.25 2.50 -2.16
C ASP A 8 0.17 2.95 -1.79
N THR A 1 0.49 2.79 -0.43
CA THR A 1 1.81 2.90 0.15
C THR A 1 2.63 1.62 -0.04
N PHE A 2 3.94 1.75 -0.02
CA PHE A 2 4.83 0.64 -0.22
C PHE A 2 4.85 -0.29 0.98
N GLY A 3 4.14 -1.37 0.85
CA GLY A 3 4.03 -2.34 1.92
C GLY A 3 2.63 -2.86 1.98
N VAL A 4 1.69 -1.99 1.66
CA VAL A 4 0.29 -2.33 1.63
C VAL A 4 -0.28 -1.77 0.33
N VAL A 5 -0.40 -2.63 -0.67
CA VAL A 5 -0.84 -2.22 -2.00
C VAL A 5 -2.28 -1.65 -1.98
N ILE A 6 -3.10 -2.16 -1.08
CA ILE A 6 -4.49 -1.69 -0.95
C ILE A 6 -4.51 -0.25 -0.36
N ALA A 7 -3.45 0.10 0.33
CA ALA A 7 -3.32 1.43 0.90
C ALA A 7 -2.45 2.32 0.04
N ASP A 8 -2.07 1.83 -1.15
CA ASP A 8 -1.21 2.53 -2.14
C ASP A 8 0.27 2.62 -1.71
N THR A 1 0.47 2.82 -0.42
CA THR A 1 1.77 2.97 0.17
C THR A 1 2.60 1.68 0.14
N PHE A 2 3.92 1.83 0.27
CA PHE A 2 4.88 0.75 0.20
C PHE A 2 4.66 -0.26 1.31
N GLY A 3 4.15 -1.40 0.96
CA GLY A 3 3.89 -2.43 1.90
C GLY A 3 2.50 -2.95 1.74
N VAL A 4 1.55 -2.07 1.81
CA VAL A 4 0.17 -2.42 1.65
C VAL A 4 -0.33 -1.82 0.35
N VAL A 5 -0.43 -2.64 -0.69
CA VAL A 5 -0.85 -2.17 -2.00
C VAL A 5 -2.30 -1.67 -2.00
N ILE A 6 -3.09 -2.16 -1.07
CA ILE A 6 -4.47 -1.72 -0.90
C ILE A 6 -4.50 -0.27 -0.37
N ALA A 7 -3.44 0.11 0.32
CA ALA A 7 -3.34 1.44 0.89
C ALA A 7 -2.48 2.34 0.02
N ASP A 8 -2.05 1.81 -1.14
CA ASP A 8 -1.19 2.51 -2.13
C ASP A 8 0.27 2.61 -1.69
N THR A 1 0.31 3.38 -0.48
CA THR A 1 1.57 3.85 0.07
C THR A 1 2.76 2.90 -0.19
N PHE A 2 2.91 1.90 0.65
CA PHE A 2 3.97 0.94 0.54
C PHE A 2 3.68 -0.27 1.39
N GLY A 3 4.00 -1.43 0.86
CA GLY A 3 3.78 -2.67 1.57
C GLY A 3 2.37 -3.16 1.38
N VAL A 4 1.45 -2.39 1.88
CA VAL A 4 0.06 -2.66 1.74
C VAL A 4 -0.37 -2.06 0.42
N VAL A 5 -0.57 -2.92 -0.55
CA VAL A 5 -0.89 -2.52 -1.91
C VAL A 5 -2.22 -1.78 -1.97
N ILE A 6 -3.16 -2.20 -1.14
CA ILE A 6 -4.47 -1.58 -1.10
C ILE A 6 -4.45 -0.25 -0.34
N ALA A 7 -3.31 0.09 0.25
CA ALA A 7 -3.16 1.34 0.95
C ALA A 7 -2.46 2.36 0.06
N ASP A 8 -2.00 1.88 -1.11
CA ASP A 8 -1.30 2.69 -2.15
C ASP A 8 0.13 3.08 -1.76
N THR A 1 0.46 3.03 -0.49
CA THR A 1 1.75 3.17 0.14
C THR A 1 2.52 1.84 0.18
N PHE A 2 3.82 1.91 -0.01
CA PHE A 2 4.64 0.72 -0.07
C PHE A 2 4.65 0.00 1.26
N GLY A 3 4.09 -1.17 1.23
CA GLY A 3 3.92 -1.98 2.39
C GLY A 3 2.58 -2.66 2.32
N VAL A 4 1.59 -1.92 1.85
CA VAL A 4 0.23 -2.40 1.67
C VAL A 4 -0.31 -1.81 0.36
N VAL A 5 -0.40 -2.62 -0.68
CA VAL A 5 -0.85 -2.15 -2.00
C VAL A 5 -2.28 -1.62 -1.97
N ILE A 6 -3.09 -2.16 -1.07
CA ILE A 6 -4.48 -1.71 -0.93
C ILE A 6 -4.51 -0.27 -0.36
N ALA A 7 -3.45 0.10 0.33
CA ALA A 7 -3.33 1.42 0.91
C ALA A 7 -2.46 2.32 0.02
N ASP A 8 -2.08 1.81 -1.16
CA ASP A 8 -1.19 2.50 -2.15
C ASP A 8 0.28 2.56 -1.70
N THR A 1 0.24 3.67 -0.75
CA THR A 1 1.46 4.34 -0.47
C THR A 1 2.40 3.57 0.47
N PHE A 2 1.98 3.32 1.70
CA PHE A 2 2.88 2.74 2.66
C PHE A 2 2.70 1.24 2.82
N GLY A 3 3.55 0.49 2.13
CA GLY A 3 3.64 -0.96 2.26
C GLY A 3 2.51 -1.73 1.62
N VAL A 4 1.33 -1.52 2.12
CA VAL A 4 0.16 -2.22 1.70
C VAL A 4 -0.29 -1.75 0.33
N VAL A 5 -0.46 -2.69 -0.58
CA VAL A 5 -0.85 -2.39 -1.94
C VAL A 5 -2.23 -1.72 -2.00
N ILE A 6 -3.15 -2.13 -1.13
CA ILE A 6 -4.47 -1.54 -1.12
C ILE A 6 -4.50 -0.22 -0.33
N ALA A 7 -3.37 0.10 0.29
CA ALA A 7 -3.22 1.37 0.98
C ALA A 7 -2.44 2.32 0.07
N ASP A 8 -2.01 1.76 -1.08
CA ASP A 8 -1.28 2.46 -2.16
C ASP A 8 0.13 2.89 -1.78
N THR A 1 0.55 2.58 -0.71
CA THR A 1 1.95 2.51 -0.35
C THR A 1 2.51 1.07 -0.56
N PHE A 2 3.82 0.93 -0.44
CA PHE A 2 4.45 -0.35 -0.59
C PHE A 2 4.26 -1.16 0.68
N GLY A 3 4.03 -2.43 0.50
CA GLY A 3 3.73 -3.31 1.59
C GLY A 3 2.27 -3.67 1.52
N VAL A 4 1.46 -2.74 1.91
CA VAL A 4 0.04 -2.89 1.80
C VAL A 4 -0.41 -2.12 0.55
N VAL A 5 -0.49 -2.83 -0.57
CA VAL A 5 -0.76 -2.21 -1.86
C VAL A 5 -2.15 -1.59 -1.94
N ILE A 6 -3.10 -2.10 -1.15
CA ILE A 6 -4.45 -1.55 -1.14
C ILE A 6 -4.48 -0.21 -0.40
N ALA A 7 -3.40 0.09 0.29
CA ALA A 7 -3.24 1.35 1.00
C ALA A 7 -2.39 2.28 0.15
N ASP A 8 -2.16 1.88 -1.10
CA ASP A 8 -1.38 2.61 -2.13
C ASP A 8 0.12 2.47 -1.94
N THR A 1 0.04 3.66 -0.53
CA THR A 1 1.04 4.52 0.04
C THR A 1 2.00 3.78 0.97
N PHE A 2 1.52 3.39 2.13
CA PHE A 2 2.37 2.77 3.14
C PHE A 2 2.63 1.27 2.92
N GLY A 3 3.33 0.97 1.84
CA GLY A 3 3.74 -0.40 1.54
C GLY A 3 2.62 -1.25 0.97
N VAL A 4 1.58 -1.41 1.76
CA VAL A 4 0.40 -2.19 1.43
C VAL A 4 -0.22 -1.65 0.17
N VAL A 5 -0.41 -2.49 -0.82
CA VAL A 5 -0.93 -2.11 -2.12
C VAL A 5 -2.36 -1.60 -1.98
N ILE A 6 -3.13 -2.20 -1.06
CA ILE A 6 -4.50 -1.76 -0.76
C ILE A 6 -4.50 -0.28 -0.36
N ALA A 7 -3.50 0.12 0.39
CA ALA A 7 -3.37 1.49 0.83
C ALA A 7 -2.63 2.32 -0.22
N ASP A 8 -1.83 1.63 -1.01
CA ASP A 8 -0.98 2.15 -2.10
C ASP A 8 0.23 2.95 -1.60
N THR A 1 0.52 2.22 -0.55
CA THR A 1 1.89 2.17 -0.06
C THR A 1 2.61 0.92 -0.57
N PHE A 2 3.90 0.84 -0.33
CA PHE A 2 4.65 -0.34 -0.67
C PHE A 2 4.37 -1.38 0.39
N GLY A 3 4.20 -2.59 -0.03
CA GLY A 3 3.82 -3.63 0.89
C GLY A 3 2.32 -3.72 0.91
N VAL A 4 1.69 -2.79 1.61
CA VAL A 4 0.24 -2.72 1.63
C VAL A 4 -0.25 -1.96 0.40
N VAL A 5 -0.44 -2.70 -0.67
CA VAL A 5 -0.82 -2.16 -1.97
C VAL A 5 -2.23 -1.58 -1.96
N ILE A 6 -3.08 -2.13 -1.09
CA ILE A 6 -4.46 -1.68 -0.97
C ILE A 6 -4.50 -0.25 -0.40
N ALA A 7 -3.45 0.10 0.34
CA ALA A 7 -3.34 1.43 0.92
C ALA A 7 -2.44 2.31 0.07
N ASP A 8 -2.10 1.81 -1.14
CA ASP A 8 -1.25 2.52 -2.15
C ASP A 8 0.23 2.52 -1.78
N THR A 1 0.43 2.94 -0.37
CA THR A 1 1.71 3.08 0.29
C THR A 1 2.55 1.78 0.15
N PHE A 2 3.87 1.93 0.06
CA PHE A 2 4.79 0.81 -0.08
C PHE A 2 4.58 -0.23 1.02
N GLY A 3 4.42 -1.47 0.62
CA GLY A 3 4.24 -2.54 1.56
C GLY A 3 2.79 -2.93 1.71
N VAL A 4 1.91 -2.02 1.38
CA VAL A 4 0.48 -2.26 1.50
C VAL A 4 -0.20 -1.76 0.22
N VAL A 5 -0.34 -2.65 -0.75
CA VAL A 5 -0.88 -2.32 -2.07
C VAL A 5 -2.29 -1.72 -2.00
N ILE A 6 -3.07 -2.15 -1.03
CA ILE A 6 -4.44 -1.68 -0.90
C ILE A 6 -4.49 -0.24 -0.37
N ALA A 7 -3.45 0.15 0.33
CA ALA A 7 -3.37 1.49 0.88
C ALA A 7 -2.51 2.38 0.01
N ASP A 8 -2.09 1.83 -1.14
CA ASP A 8 -1.19 2.52 -2.12
C ASP A 8 0.26 2.61 -1.62
N THR A 1 0.47 2.22 -0.46
CA THR A 1 1.77 2.21 0.14
C THR A 1 2.54 0.97 -0.36
N PHE A 2 3.84 1.09 -0.54
CA PHE A 2 4.63 -0.05 -0.90
C PHE A 2 4.74 -0.98 0.29
N GLY A 3 3.99 -2.02 0.21
CA GLY A 3 3.84 -2.98 1.25
C GLY A 3 2.42 -3.43 1.23
N VAL A 4 1.55 -2.58 1.68
CA VAL A 4 0.14 -2.82 1.61
C VAL A 4 -0.39 -2.05 0.41
N VAL A 5 -0.45 -2.72 -0.73
CA VAL A 5 -0.85 -2.08 -2.00
C VAL A 5 -2.27 -1.57 -1.96
N ILE A 6 -3.06 -2.14 -1.06
CA ILE A 6 -4.44 -1.74 -0.87
C ILE A 6 -4.49 -0.28 -0.41
N ALA A 7 -3.48 0.11 0.35
CA ALA A 7 -3.38 1.45 0.89
C ALA A 7 -2.46 2.32 0.02
N ASP A 8 -2.09 1.80 -1.17
CA ASP A 8 -1.18 2.48 -2.15
C ASP A 8 0.26 2.54 -1.69
N THR A 1 0.53 2.65 -0.61
CA THR A 1 1.90 2.69 -0.15
C THR A 1 2.56 1.29 -0.31
N PHE A 2 3.86 1.24 -0.18
CA PHE A 2 4.59 -0.01 -0.28
C PHE A 2 4.26 -0.88 0.94
N GLY A 3 4.07 -2.16 0.71
CA GLY A 3 3.74 -3.06 1.78
C GLY A 3 2.30 -3.48 1.66
N VAL A 4 1.42 -2.56 1.91
CA VAL A 4 0.01 -2.79 1.73
C VAL A 4 -0.43 -2.03 0.50
N VAL A 5 -0.48 -2.73 -0.63
CA VAL A 5 -0.79 -2.12 -1.91
C VAL A 5 -2.21 -1.57 -1.95
N ILE A 6 -3.10 -2.12 -1.13
CA ILE A 6 -4.47 -1.64 -1.02
C ILE A 6 -4.47 -0.21 -0.44
N ALA A 7 -3.46 0.08 0.35
CA ALA A 7 -3.30 1.39 0.96
C ALA A 7 -2.40 2.27 0.11
N ASP A 8 -2.10 1.79 -1.12
CA ASP A 8 -1.31 2.50 -2.16
C ASP A 8 0.20 2.55 -1.85
N THR A 1 0.37 3.18 -0.42
CA THR A 1 1.60 3.50 0.24
C THR A 1 1.75 2.59 1.51
N PHE A 2 2.91 2.67 2.21
CA PHE A 2 3.18 1.96 3.48
C PHE A 2 3.52 0.49 3.27
N GLY A 3 3.73 0.10 2.05
CA GLY A 3 4.06 -1.29 1.76
C GLY A 3 2.80 -2.11 1.61
N VAL A 4 1.70 -1.43 1.56
CA VAL A 4 0.41 -2.06 1.43
C VAL A 4 -0.19 -1.57 0.14
N VAL A 5 -0.37 -2.48 -0.81
CA VAL A 5 -0.89 -2.14 -2.12
C VAL A 5 -2.33 -1.62 -2.01
N ILE A 6 -3.06 -2.18 -1.06
CA ILE A 6 -4.44 -1.77 -0.77
C ILE A 6 -4.49 -0.28 -0.36
N ALA A 7 -3.49 0.16 0.36
CA ALA A 7 -3.42 1.52 0.84
C ALA A 7 -2.54 2.37 -0.07
N ASP A 8 -2.04 1.74 -1.14
CA ASP A 8 -1.10 2.34 -2.12
C ASP A 8 0.31 2.53 -1.54
N THR A 1 0.51 2.74 -0.53
CA THR A 1 1.85 2.82 -0.05
C THR A 1 2.53 1.42 -0.13
N PHE A 2 3.80 1.36 0.11
CA PHE A 2 4.54 0.12 0.02
C PHE A 2 4.19 -0.77 1.18
N GLY A 3 4.19 -2.06 0.96
CA GLY A 3 3.88 -3.01 2.00
C GLY A 3 2.41 -3.37 2.00
N VAL A 4 1.58 -2.38 1.77
CA VAL A 4 0.14 -2.56 1.70
C VAL A 4 -0.36 -1.92 0.41
N VAL A 5 -0.43 -2.70 -0.65
CA VAL A 5 -0.82 -2.20 -1.98
C VAL A 5 -2.24 -1.62 -1.98
N ILE A 6 -3.09 -2.14 -1.11
CA ILE A 6 -4.47 -1.66 -0.98
C ILE A 6 -4.49 -0.23 -0.40
N ALA A 7 -3.45 0.11 0.33
CA ALA A 7 -3.32 1.42 0.94
C ALA A 7 -2.43 2.32 0.08
N ASP A 8 -2.10 1.83 -1.12
CA ASP A 8 -1.26 2.52 -2.14
C ASP A 8 0.22 2.56 -1.78
N THR A 1 0.37 3.26 -0.46
CA THR A 1 1.66 3.45 0.16
C THR A 1 2.45 2.12 0.15
N PHE A 2 3.77 2.20 0.06
CA PHE A 2 4.66 1.05 0.03
C PHE A 2 4.40 0.14 1.22
N GLY A 3 4.09 -1.09 0.92
CA GLY A 3 3.78 -2.06 1.93
C GLY A 3 2.47 -2.72 1.61
N VAL A 4 1.40 -2.10 2.03
CA VAL A 4 0.07 -2.59 1.76
C VAL A 4 -0.39 -2.01 0.43
N VAL A 5 -0.51 -2.85 -0.59
CA VAL A 5 -0.88 -2.39 -1.94
C VAL A 5 -2.26 -1.73 -1.96
N ILE A 6 -3.16 -2.21 -1.10
CA ILE A 6 -4.51 -1.65 -0.99
C ILE A 6 -4.44 -0.22 -0.43
N ALA A 7 -3.37 0.07 0.28
CA ALA A 7 -3.21 1.35 0.92
C ALA A 7 -2.42 2.32 0.06
N ASP A 8 -2.03 1.88 -1.16
CA ASP A 8 -1.27 2.70 -2.16
C ASP A 8 0.19 2.95 -1.72
N THR A 1 -0.02 4.14 -0.62
CA THR A 1 0.98 5.06 -0.12
C THR A 1 2.11 4.41 0.70
N PHE A 2 1.80 3.60 1.69
CA PHE A 2 2.85 3.02 2.54
C PHE A 2 3.56 1.84 1.86
N GLY A 3 3.10 1.47 0.69
CA GLY A 3 3.68 0.33 -0.01
C GLY A 3 2.73 -0.82 0.02
N VAL A 4 1.90 -0.84 1.04
CA VAL A 4 0.81 -1.79 1.19
C VAL A 4 -0.10 -1.56 0.00
N VAL A 5 -0.30 -2.57 -0.84
CA VAL A 5 -1.02 -2.39 -2.10
C VAL A 5 -2.42 -1.78 -1.94
N ILE A 6 -3.20 -2.27 -0.98
CA ILE A 6 -4.55 -1.77 -0.80
C ILE A 6 -4.55 -0.31 -0.32
N ALA A 7 -3.44 0.11 0.27
CA ALA A 7 -3.32 1.45 0.78
C ALA A 7 -2.56 2.37 -0.17
N ASP A 8 -1.81 1.75 -1.10
CA ASP A 8 -0.95 2.44 -2.10
C ASP A 8 0.26 3.18 -1.48
#